data_7R4P
#
_entry.id   7R4P
#
_cell.length_a   97.130
_cell.length_b   97.130
_cell.length_c   80.840
_cell.angle_alpha   90.000
_cell.angle_beta   90.000
_cell.angle_gamma   90.000
#
_symmetry.space_group_name_H-M   'I 4'
#
loop_
_entity.id
_entity.type
_entity.pdbx_description
1 polymer 'Hydroxyacid oxidase 1'
2 non-polymer 'FLAVIN MONONUCLEOTIDE'
3 non-polymer 6-amino-1-benzyl-5-(methylamino)pyrimidine-2,4(1H,3H)-dione
4 water water
#
_entity_poly.entity_id   1
_entity_poly.type   'polypeptide(L)'
_entity_poly.pdbx_seq_one_letter_code
;MLPRLICINDYEQHAKSVLPKSIYDYYRSGANDEETLADNIAAFSRWKLYPRMLRNVAETDLSTSVLGQRVSMPICVGAT
AMQRMAHVDGELATVRACQSLGTGMMLSSWATSSIEEVAEAGPEALRWLQLYIYKDREVTKKLVRQAEKMGYKAIFVTVD
TPYLGNRLDDVRNRFKLPPQLRMKNFETSTLSFSPEENFGDDSGLAAYVAKAIDPSISWEDIKWLRRLTSLPIVAKGILR
GDDAREAVKHGLNGILVSNHGARQLDGVPATIDVLPEIVEAVEGKVEVFLDGGVRKGTDVLKALALGAKAVFVGRPIVWG
LAFQGEKGVQDVLEILKEEFRLAMALSGCQNVKVIDKTLVRK
;
_entity_poly.pdbx_strand_id   A
#
# COMPACT_ATOMS: atom_id res chain seq x y z
N PRO A 3 -14.32 20.65 11.35
CA PRO A 3 -14.40 19.21 11.02
C PRO A 3 -14.18 18.32 12.25
N ARG A 4 -14.96 17.23 12.34
CA ARG A 4 -14.89 16.15 13.36
C ARG A 4 -14.78 14.80 12.61
N LEU A 5 -13.55 14.38 12.34
CA LEU A 5 -13.26 13.26 11.40
C LEU A 5 -12.89 12.08 12.27
N ILE A 6 -13.71 11.04 12.32
CA ILE A 6 -13.45 9.97 13.30
C ILE A 6 -13.28 8.61 12.67
N CYS A 7 -13.32 8.54 11.36
CA CYS A 7 -13.10 7.31 10.60
C CYS A 7 -12.53 7.71 9.23
N ILE A 8 -12.00 6.75 8.51
CA ILE A 8 -11.27 7.04 7.28
C ILE A 8 -12.25 7.62 6.24
N ASN A 9 -13.48 7.13 6.17
N ASN A 9 -13.47 7.11 6.17
CA ASN A 9 -14.45 7.70 5.21
CA ASN A 9 -14.46 7.70 5.23
C ASN A 9 -14.65 9.19 5.47
C ASN A 9 -14.63 9.19 5.47
N ASP A 10 -14.61 9.64 6.73
CA ASP A 10 -14.79 11.09 7.01
C ASP A 10 -13.65 11.86 6.34
N TYR A 11 -12.44 11.35 6.40
CA TYR A 11 -11.28 12.03 5.76
C TYR A 11 -11.53 12.13 4.26
N GLU A 12 -12.01 11.10 3.60
CA GLU A 12 -12.28 11.24 2.17
C GLU A 12 -13.31 12.32 1.93
N GLN A 13 -14.42 12.30 2.68
CA GLN A 13 -15.48 13.30 2.46
C GLN A 13 -14.90 14.72 2.63
N HIS A 14 -14.06 14.93 3.65
CA HIS A 14 -13.43 16.26 3.85
C HIS A 14 -12.54 16.58 2.63
N ALA A 15 -11.74 15.62 2.15
CA ALA A 15 -10.81 15.87 1.02
C ALA A 15 -11.62 16.29 -0.21
N LYS A 16 -12.78 15.66 -0.46
CA LYS A 16 -13.62 16.04 -1.60
C LYS A 16 -14.06 17.49 -1.45
N SER A 17 -14.31 17.93 -0.23
CA SER A 17 -14.83 19.28 0.03
C SER A 17 -13.75 20.34 -0.19
N VAL A 18 -12.46 20.02 -0.01
CA VAL A 18 -11.38 21.03 -0.06
C VAL A 18 -10.49 20.89 -1.29
N LEU A 19 -10.45 19.78 -1.99
CA LEU A 19 -9.52 19.64 -3.14
C LEU A 19 -10.25 19.95 -4.42
N PRO A 20 -9.54 20.65 -5.36
CA PRO A 20 -10.11 20.85 -6.70
C PRO A 20 -10.57 19.48 -7.22
N LYS A 21 -11.69 19.48 -7.96
CA LYS A 21 -12.29 18.23 -8.52
C LYS A 21 -11.20 17.43 -9.27
N SER A 22 -10.43 18.04 -10.16
CA SER A 22 -9.40 17.26 -10.91
C SER A 22 -8.43 16.53 -9.99
N ILE A 23 -8.04 17.15 -8.88
CA ILE A 23 -7.04 16.53 -7.97
C ILE A 23 -7.76 15.41 -7.22
N TYR A 24 -8.93 15.69 -6.64
CA TYR A 24 -9.72 14.68 -5.91
C TYR A 24 -9.92 13.47 -6.85
N ASP A 25 -10.34 13.75 -8.07
CA ASP A 25 -10.66 12.63 -9.02
C ASP A 25 -9.37 11.89 -9.40
N TYR A 26 -8.25 12.56 -9.56
CA TYR A 26 -6.95 11.87 -9.78
C TYR A 26 -6.69 10.83 -8.70
N TYR A 27 -6.92 11.22 -7.45
CA TYR A 27 -6.63 10.36 -6.29
C TYR A 27 -7.73 9.29 -6.14
N ARG A 28 -8.99 9.60 -6.34
CA ARG A 28 -10.05 8.62 -6.05
C ARG A 28 -10.45 7.72 -7.19
N SER A 29 -10.02 8.06 -8.40
N SER A 29 -10.02 8.06 -8.40
N SER A 29 -10.02 8.06 -8.40
CA SER A 29 -10.45 7.27 -9.59
CA SER A 29 -10.45 7.27 -9.59
CA SER A 29 -10.45 7.27 -9.59
C SER A 29 -9.89 5.86 -9.73
C SER A 29 -9.89 5.86 -9.73
C SER A 29 -9.89 5.86 -9.73
N GLY A 30 -10.64 4.98 -10.38
CA GLY A 30 -10.16 3.62 -10.62
C GLY A 30 -10.20 3.55 -12.16
N ALA A 31 -9.93 2.40 -12.73
CA ALA A 31 -9.92 2.24 -14.20
C ALA A 31 -11.31 1.98 -14.77
N ASN A 32 -11.58 2.59 -15.92
CA ASN A 32 -12.79 2.27 -16.72
C ASN A 32 -14.01 2.40 -15.85
N ASP A 33 -14.88 1.40 -15.78
CA ASP A 33 -16.13 1.53 -15.01
C ASP A 33 -15.94 1.37 -13.51
N GLU A 34 -14.69 1.23 -13.03
CA GLU A 34 -14.38 1.17 -11.59
C GLU A 34 -15.10 0.01 -10.90
N GLU A 35 -15.27 -1.12 -11.59
CA GLU A 35 -15.87 -2.34 -10.94
C GLU A 35 -14.93 -2.88 -9.86
N THR A 36 -13.65 -2.96 -10.10
CA THR A 36 -12.71 -3.45 -9.10
C THR A 36 -12.60 -2.43 -7.96
N LEU A 37 -12.71 -1.14 -8.22
CA LEU A 37 -12.59 -0.11 -7.16
C LEU A 37 -13.68 -0.40 -6.13
N ALA A 38 -14.90 -0.66 -6.61
CA ALA A 38 -15.99 -0.93 -5.66
C ALA A 38 -15.72 -2.26 -4.97
N ASP A 39 -15.26 -3.24 -5.69
CA ASP A 39 -15.11 -4.59 -5.12
C ASP A 39 -13.99 -4.67 -4.10
N ASN A 40 -12.93 -3.87 -4.23
CA ASN A 40 -11.86 -3.89 -3.23
C ASN A 40 -12.45 -3.62 -1.84
N ILE A 41 -13.46 -2.78 -1.80
CA ILE A 41 -14.10 -2.51 -0.49
CA ILE A 41 -14.19 -2.44 -0.56
C ILE A 41 -15.20 -3.55 -0.25
N ALA A 42 -16.07 -3.83 -1.19
CA ALA A 42 -17.21 -4.74 -0.97
C ALA A 42 -16.69 -6.10 -0.52
N ALA A 43 -15.60 -6.57 -1.05
CA ALA A 43 -15.06 -7.92 -0.80
C ALA A 43 -14.73 -8.04 0.67
N PHE A 44 -14.21 -7.00 1.33
CA PHE A 44 -13.91 -7.11 2.77
C PHE A 44 -15.20 -7.41 3.49
N SER A 45 -16.30 -6.80 3.13
CA SER A 45 -17.57 -6.98 3.87
C SER A 45 -18.06 -8.42 3.74
N ARG A 46 -17.73 -9.16 2.66
CA ARG A 46 -18.19 -10.56 2.50
C ARG A 46 -17.45 -11.52 3.42
N TRP A 47 -16.24 -11.20 3.82
CA TRP A 47 -15.48 -12.04 4.74
C TRP A 47 -15.98 -11.75 6.16
N LYS A 48 -16.54 -12.70 6.81
CA LYS A 48 -17.13 -12.52 8.15
C LYS A 48 -16.13 -12.95 9.23
N LEU A 49 -16.22 -12.28 10.38
CA LEU A 49 -15.33 -12.59 11.52
C LEU A 49 -16.00 -13.52 12.54
N TYR A 50 -15.22 -14.45 13.07
CA TYR A 50 -15.70 -15.44 14.05
C TYR A 50 -14.85 -15.25 15.29
N PRO A 51 -15.20 -14.26 16.12
CA PRO A 51 -14.36 -13.91 17.25
C PRO A 51 -14.37 -14.90 18.43
N ARG A 52 -13.20 -15.09 19.01
CA ARG A 52 -13.10 -15.86 20.24
C ARG A 52 -13.29 -15.00 21.48
N MET A 53 -13.99 -15.51 22.47
CA MET A 53 -14.28 -14.76 23.70
C MET A 53 -13.30 -15.21 24.79
N LEU A 54 -13.18 -14.38 25.79
CA LEU A 54 -12.57 -14.77 27.08
C LEU A 54 -11.09 -15.19 26.90
N ARG A 55 -10.32 -14.41 26.14
CA ARG A 55 -8.92 -14.80 25.84
C ARG A 55 -7.88 -13.94 26.56
N ASN A 56 -8.28 -12.92 27.30
CA ASN A 56 -7.34 -11.96 27.98
C ASN A 56 -6.70 -11.05 26.94
N VAL A 57 -7.31 -9.90 26.73
CA VAL A 57 -6.83 -8.95 25.69
C VAL A 57 -6.52 -7.62 26.37
N ALA A 58 -6.10 -7.67 27.63
CA ALA A 58 -5.70 -6.46 28.37
C ALA A 58 -4.44 -5.92 27.73
N GLU A 59 -3.62 -6.74 27.13
CA GLU A 59 -2.35 -6.03 26.78
C GLU A 59 -2.06 -6.01 25.29
N THR A 60 -2.98 -5.60 24.45
CA THR A 60 -2.91 -5.90 22.99
CA THR A 60 -2.92 -5.91 22.99
C THR A 60 -1.63 -5.34 22.37
N ASP A 61 -0.84 -6.19 21.73
CA ASP A 61 0.45 -5.84 21.11
C ASP A 61 0.25 -5.86 19.63
N LEU A 62 0.32 -4.73 18.96
CA LEU A 62 0.09 -4.65 17.49
C LEU A 62 1.41 -4.83 16.72
N SER A 63 2.53 -4.91 17.40
CA SER A 63 3.83 -4.84 16.67
C SER A 63 4.03 -6.08 15.79
N THR A 64 4.80 -5.93 14.72
CA THR A 64 5.14 -7.03 13.81
C THR A 64 6.45 -6.63 13.15
N SER A 65 6.78 -7.35 12.13
CA SER A 65 7.95 -6.98 11.31
C SER A 65 7.66 -7.09 9.85
N VAL A 66 8.31 -6.26 9.07
CA VAL A 66 8.14 -6.28 7.59
C VAL A 66 9.52 -6.50 7.02
N LEU A 67 9.78 -7.64 6.38
CA LEU A 67 11.11 -7.95 5.74
C LEU A 67 12.21 -7.75 6.77
N GLY A 68 11.97 -8.15 8.01
CA GLY A 68 13.01 -8.15 9.03
C GLY A 68 12.97 -6.93 9.95
N GLN A 69 12.31 -5.85 9.54
CA GLN A 69 12.35 -4.56 10.28
C GLN A 69 11.11 -4.50 11.16
N ARG A 70 11.28 -4.14 12.42
CA ARG A 70 10.15 -4.02 13.34
C ARG A 70 9.29 -2.81 12.92
N VAL A 71 7.99 -2.97 13.02
CA VAL A 71 7.02 -1.86 12.87
C VAL A 71 6.03 -1.93 14.04
N SER A 72 5.40 -0.82 14.34
CA SER A 72 4.51 -0.69 15.50
C SER A 72 3.17 -1.35 15.25
N MET A 73 2.85 -1.61 13.97
CA MET A 73 1.52 -2.15 13.61
C MET A 73 1.64 -2.70 12.20
N PRO A 74 0.75 -3.64 11.79
CA PRO A 74 0.88 -4.26 10.46
C PRO A 74 0.17 -3.42 9.42
N ILE A 75 0.38 -2.12 9.44
CA ILE A 75 -0.35 -1.10 8.67
C ILE A 75 0.69 -0.08 8.23
N CYS A 76 0.95 -0.04 6.94
CA CYS A 76 2.05 0.73 6.39
C CYS A 76 1.57 1.60 5.28
N VAL A 77 2.30 2.63 4.90
CA VAL A 77 1.94 3.61 3.87
C VAL A 77 2.39 3.10 2.51
N GLY A 78 1.40 2.92 1.61
CA GLY A 78 1.70 2.57 0.23
C GLY A 78 2.07 3.73 -0.64
N ALA A 79 2.72 3.44 -1.78
CA ALA A 79 3.15 4.44 -2.75
C ALA A 79 1.96 5.12 -3.39
N THR A 80 1.81 6.41 -3.24
CA THR A 80 0.83 7.20 -4.00
C THR A 80 1.59 8.40 -4.58
N ALA A 81 1.54 8.59 -5.87
CA ALA A 81 2.30 9.60 -6.58
C ALA A 81 1.80 11.00 -6.27
N MET A 82 2.73 11.92 -6.33
CA MET A 82 2.41 13.36 -6.42
CA MET A 82 2.44 13.38 -6.39
C MET A 82 1.63 13.85 -5.17
N GLN A 83 2.14 13.54 -4.01
CA GLN A 83 1.48 13.96 -2.74
C GLN A 83 1.44 15.47 -2.53
N ARG A 84 2.33 16.24 -3.14
CA ARG A 84 2.29 17.70 -2.92
C ARG A 84 1.03 18.30 -3.55
N MET A 85 0.31 17.59 -4.42
CA MET A 85 -0.97 18.13 -4.91
C MET A 85 -2.02 18.18 -3.80
N ALA A 86 -1.84 17.38 -2.77
CA ALA A 86 -2.80 17.28 -1.65
C ALA A 86 -2.44 18.25 -0.52
N HIS A 87 -1.13 18.50 -0.35
CA HIS A 87 -0.62 19.38 0.74
C HIS A 87 0.79 19.89 0.37
N VAL A 88 1.14 21.13 0.77
CA VAL A 88 2.46 21.75 0.38
C VAL A 88 3.71 20.98 0.86
N ASP A 89 3.57 20.24 1.95
CA ASP A 89 4.71 19.42 2.43
C ASP A 89 4.79 18.05 1.74
N GLY A 90 3.66 17.58 1.12
CA GLY A 90 3.56 16.25 0.45
C GLY A 90 4.30 15.15 1.23
N GLU A 91 5.15 14.41 0.51
CA GLU A 91 5.84 13.20 1.04
C GLU A 91 6.64 13.44 2.32
N LEU A 92 7.09 14.68 2.50
CA LEU A 92 7.86 15.00 3.73
C LEU A 92 6.92 14.92 4.94
N ALA A 93 5.71 15.43 4.81
CA ALA A 93 4.71 15.29 5.87
C ALA A 93 4.42 13.80 6.10
N THR A 94 4.28 13.06 5.02
CA THR A 94 3.94 11.61 5.14
C THR A 94 5.05 10.87 5.90
N VAL A 95 6.31 11.12 5.58
CA VAL A 95 7.41 10.35 6.23
C VAL A 95 7.62 10.78 7.74
N ARG A 96 7.19 12.06 7.95
CA ARG A 96 7.32 12.48 9.35
C ARG A 96 6.24 11.74 10.14
N ALA A 97 5.04 11.61 9.59
CA ALA A 97 3.94 10.92 10.30
C ALA A 97 4.28 9.44 10.50
N CYS A 98 4.92 8.81 9.54
CA CYS A 98 5.33 7.40 9.67
C CYS A 98 6.38 7.23 10.76
N GLN A 99 7.32 8.18 10.87
CA GLN A 99 8.40 8.17 11.89
C GLN A 99 7.86 8.39 13.38
N SER A 100 6.83 9.24 13.45
CA SER A 100 6.01 9.35 14.73
C SER A 100 5.28 8.03 15.06
N LEU A 101 4.62 7.39 14.11
CA LEU A 101 3.79 6.19 14.36
C LEU A 101 4.69 4.97 14.59
N GLY A 102 5.91 4.91 14.09
CA GLY A 102 6.76 3.70 14.10
C GLY A 102 6.37 2.72 13.00
N THR A 103 5.89 3.22 11.87
CA THR A 103 5.58 2.35 10.71
C THR A 103 6.36 2.83 9.49
N GLY A 104 6.22 2.07 8.42
CA GLY A 104 6.99 2.29 7.19
C GLY A 104 6.24 3.04 6.13
N MET A 105 7.02 3.74 5.35
CA MET A 105 6.58 4.49 4.16
C MET A 105 7.21 3.90 2.92
N MET A 106 6.35 3.53 1.99
CA MET A 106 6.75 3.20 0.62
C MET A 106 6.68 4.47 -0.25
N LEU A 107 7.82 4.94 -0.67
CA LEU A 107 7.94 6.18 -1.49
C LEU A 107 7.69 5.85 -2.97
N SER A 108 6.77 6.57 -3.59
CA SER A 108 6.49 6.40 -5.04
C SER A 108 7.66 6.86 -5.90
N SER A 109 7.84 6.20 -7.04
CA SER A 109 8.88 6.65 -8.00
C SER A 109 8.44 7.99 -8.63
N TRP A 110 7.16 8.32 -8.54
CA TRP A 110 6.62 9.57 -9.13
C TRP A 110 6.29 10.54 -8.01
N ALA A 111 7.15 10.56 -7.01
CA ALA A 111 6.99 11.52 -5.90
C ALA A 111 7.30 12.97 -6.31
N THR A 112 6.64 13.91 -5.64
CA THR A 112 6.90 15.37 -5.69
C THR A 112 7.97 15.78 -4.68
N SER A 113 8.71 14.83 -4.09
CA SER A 113 9.91 15.02 -3.25
C SER A 113 11.02 14.02 -3.66
N SER A 114 12.30 14.39 -3.54
CA SER A 114 13.44 13.52 -3.92
C SER A 114 13.81 12.47 -2.79
N ILE A 115 14.47 11.41 -3.23
CA ILE A 115 14.77 10.22 -2.34
C ILE A 115 15.59 10.79 -1.18
N GLU A 116 16.47 11.70 -1.54
CA GLU A 116 17.41 12.28 -0.53
C GLU A 116 16.72 13.32 0.44
N GLU A 117 15.82 14.18 -0.11
CA GLU A 117 14.92 15.04 0.68
C GLU A 117 14.08 14.18 1.66
N VAL A 118 13.37 13.07 1.22
CA VAL A 118 12.47 12.27 2.11
C VAL A 118 13.35 11.63 3.23
N ALA A 119 14.49 10.97 2.82
CA ALA A 119 15.35 10.33 3.84
C ALA A 119 15.62 11.38 4.94
N GLU A 120 15.93 12.60 4.52
CA GLU A 120 16.34 13.71 5.43
C GLU A 120 15.18 14.18 6.32
N ALA A 121 13.95 14.17 5.80
CA ALA A 121 12.79 14.56 6.63
C ALA A 121 12.46 13.43 7.62
N GLY A 122 12.77 12.19 7.26
CA GLY A 122 12.45 11.03 8.11
C GLY A 122 13.64 10.13 8.28
N PRO A 123 14.73 10.61 8.89
CA PRO A 123 15.95 9.82 8.99
C PRO A 123 15.76 8.54 9.80
N GLU A 124 14.85 8.54 10.77
CA GLU A 124 14.65 7.36 11.65
C GLU A 124 13.42 6.57 11.18
N ALA A 125 12.76 7.03 10.13
CA ALA A 125 11.56 6.34 9.63
C ALA A 125 12.00 5.11 8.82
N LEU A 126 11.27 4.03 8.94
CA LEU A 126 11.38 2.90 8.03
C LEU A 126 10.82 3.32 6.65
N ARG A 127 11.66 3.19 5.63
CA ARG A 127 11.40 3.74 4.30
C ARG A 127 11.80 2.69 3.27
N TRP A 128 10.90 2.53 2.30
CA TRP A 128 11.15 1.66 1.13
C TRP A 128 10.95 2.49 -0.15
N LEU A 129 11.53 1.99 -1.27
CA LEU A 129 11.32 2.68 -2.55
C LEU A 129 10.44 1.80 -3.43
N GLN A 130 9.34 2.37 -3.95
CA GLN A 130 8.59 1.71 -5.07
C GLN A 130 9.25 2.17 -6.35
N LEU A 131 9.56 1.21 -7.19
CA LEU A 131 10.29 1.36 -8.45
C LEU A 131 9.43 0.91 -9.61
N TYR A 132 9.55 1.64 -10.69
CA TYR A 132 9.26 1.10 -12.02
C TYR A 132 10.55 0.80 -12.77
N ILE A 133 10.61 -0.30 -13.54
CA ILE A 133 11.72 -0.49 -14.51
C ILE A 133 11.47 0.38 -15.75
N TYR A 134 12.22 1.47 -15.88
CA TYR A 134 12.07 2.52 -16.92
C TYR A 134 12.78 2.04 -18.18
N LYS A 135 12.32 2.50 -19.32
CA LYS A 135 13.04 2.16 -20.56
C LYS A 135 14.52 2.54 -20.34
N ASP A 136 14.73 3.67 -19.69
CA ASP A 136 16.10 4.10 -19.32
C ASP A 136 16.56 3.31 -18.10
N ARG A 137 17.35 2.28 -18.30
CA ARG A 137 17.83 1.42 -17.20
C ARG A 137 18.90 2.15 -16.37
N GLU A 138 19.48 3.19 -16.95
CA GLU A 138 20.53 3.94 -16.20
C GLU A 138 19.83 4.70 -15.07
N VAL A 139 18.74 5.38 -15.38
CA VAL A 139 17.99 6.11 -14.33
C VAL A 139 17.39 5.10 -13.34
N THR A 140 16.94 3.96 -13.84
CA THR A 140 16.41 2.91 -12.93
C THR A 140 17.50 2.55 -11.92
N LYS A 141 18.69 2.26 -12.38
CA LYS A 141 19.84 1.87 -11.54
C LYS A 141 20.23 3.04 -10.59
N LYS A 142 20.13 4.27 -11.10
CA LYS A 142 20.50 5.46 -10.27
C LYS A 142 19.52 5.52 -9.10
N LEU A 143 18.23 5.24 -9.30
CA LEU A 143 17.19 5.35 -8.25
C LEU A 143 17.66 4.34 -7.18
N VAL A 144 17.94 3.10 -7.62
CA VAL A 144 18.17 1.93 -6.69
C VAL A 144 19.38 2.31 -5.85
N ARG A 145 20.38 2.83 -6.51
CA ARG A 145 21.66 3.15 -5.80
C ARG A 145 21.54 4.37 -4.84
N GLN A 146 20.73 5.36 -5.22
CA GLN A 146 20.28 6.44 -4.27
C GLN A 146 19.50 5.84 -3.07
N ALA A 147 18.55 4.93 -3.29
CA ALA A 147 17.75 4.36 -2.18
C ALA A 147 18.67 3.60 -1.23
N GLU A 148 19.58 2.81 -1.76
CA GLU A 148 20.57 2.09 -0.91
C GLU A 148 21.39 3.08 -0.09
N LYS A 149 21.85 4.16 -0.72
CA LYS A 149 22.74 5.11 0.00
C LYS A 149 21.95 5.92 1.03
N MET A 150 20.65 6.13 0.80
CA MET A 150 19.85 6.98 1.69
C MET A 150 19.10 6.15 2.75
N GLY A 151 19.46 4.90 2.93
CA GLY A 151 18.90 4.13 4.05
C GLY A 151 17.52 3.54 3.81
N TYR A 152 17.10 3.41 2.56
CA TYR A 152 15.83 2.70 2.26
C TYR A 152 16.11 1.21 2.47
N LYS A 153 15.11 0.45 2.96
CA LYS A 153 15.36 -0.96 3.37
C LYS A 153 14.80 -2.01 2.41
N ALA A 154 14.12 -1.57 1.37
CA ALA A 154 13.64 -2.53 0.35
C ALA A 154 13.36 -1.71 -0.91
N ILE A 155 13.10 -2.55 -1.96
CA ILE A 155 12.59 -2.10 -3.28
C ILE A 155 11.26 -2.82 -3.49
N PHE A 156 10.20 -2.04 -3.77
CA PHE A 156 8.91 -2.62 -4.20
C PHE A 156 8.84 -2.37 -5.70
N VAL A 157 9.04 -3.43 -6.47
CA VAL A 157 9.02 -3.26 -7.96
C VAL A 157 7.59 -3.47 -8.43
N THR A 158 7.02 -2.48 -9.05
CA THR A 158 5.64 -2.56 -9.56
C THR A 158 5.67 -3.30 -10.87
N VAL A 159 4.85 -4.37 -10.96
CA VAL A 159 4.92 -5.29 -12.14
C VAL A 159 3.61 -5.31 -12.90
N ASP A 160 2.65 -4.47 -12.57
CA ASP A 160 1.31 -4.51 -13.21
C ASP A 160 1.07 -3.34 -14.15
N THR A 161 2.11 -2.60 -14.48
CA THR A 161 1.95 -1.30 -15.19
C THR A 161 2.85 -1.28 -16.42
N PRO A 162 2.74 -2.19 -17.39
CA PRO A 162 3.43 -2.01 -18.66
C PRO A 162 2.99 -0.75 -19.41
N TYR A 163 1.72 -0.42 -19.25
CA TYR A 163 1.04 0.82 -19.68
C TYR A 163 0.20 1.27 -18.50
N LEU A 164 -0.17 2.53 -18.47
CA LEU A 164 -1.10 3.03 -17.44
C LEU A 164 -2.56 2.60 -17.77
N GLY A 165 -3.26 2.29 -16.70
CA GLY A 165 -4.70 2.11 -16.81
C GLY A 165 -5.42 3.32 -17.32
N ASN A 166 -6.60 3.10 -17.86
CA ASN A 166 -7.46 4.18 -18.41
C ASN A 166 -8.42 4.70 -17.33
N ARG A 167 -8.02 5.75 -16.64
CA ARG A 167 -8.90 6.38 -15.61
CA ARG A 167 -8.91 6.38 -15.61
C ARG A 167 -9.69 7.52 -16.32
N LEU A 168 -10.97 7.23 -16.54
CA LEU A 168 -11.78 8.18 -17.34
C LEU A 168 -11.83 9.61 -16.79
N ASP A 169 -11.92 9.80 -15.48
CA ASP A 169 -12.09 11.21 -15.04
C ASP A 169 -10.84 12.04 -15.41
N ASP A 170 -9.63 11.46 -15.35
CA ASP A 170 -8.42 12.27 -15.68
C ASP A 170 -8.53 12.81 -17.12
N VAL A 171 -9.12 12.00 -18.00
CA VAL A 171 -9.31 12.41 -19.42
C VAL A 171 -10.46 13.41 -19.46
N ARG A 172 -11.54 13.16 -18.73
CA ARG A 172 -12.72 14.06 -18.73
C ARG A 172 -12.47 15.32 -17.94
N ASN A 173 -11.59 15.30 -16.95
CA ASN A 173 -11.23 16.57 -16.27
C ASN A 173 -10.04 16.97 -17.11
N ARG A 174 -9.87 18.22 -17.41
CA ARG A 174 -8.73 18.50 -18.31
C ARG A 174 -7.47 18.30 -17.46
N PHE A 175 -7.27 17.12 -16.89
CA PHE A 175 -6.11 16.78 -16.01
C PHE A 175 -5.05 15.97 -16.77
N MET A 183 7.66 15.95 -10.66
CA MET A 183 8.21 14.69 -10.13
C MET A 183 9.70 14.90 -9.89
N LYS A 184 10.06 15.07 -8.62
CA LYS A 184 11.34 15.64 -8.18
C LYS A 184 12.50 14.64 -8.27
N ASN A 185 12.39 13.47 -8.94
CA ASN A 185 13.48 12.44 -8.91
C ASN A 185 14.27 12.29 -10.22
N PHE A 186 14.09 13.10 -11.29
CA PHE A 186 14.57 12.72 -12.65
C PHE A 186 15.64 13.69 -13.23
N SER A 203 -5.26 11.84 -20.77
CA SER A 203 -4.53 11.93 -19.47
C SER A 203 -3.04 12.19 -19.73
N GLY A 204 -2.47 13.29 -19.21
CA GLY A 204 -1.02 13.61 -19.38
C GLY A 204 -0.18 12.46 -18.80
N LEU A 205 -0.78 11.83 -17.77
CA LEU A 205 -0.14 10.77 -16.97
C LEU A 205 -0.10 9.50 -17.81
N ALA A 206 -1.18 9.17 -18.53
CA ALA A 206 -1.18 8.05 -19.49
C ALA A 206 -0.10 8.30 -20.51
N ALA A 207 0.00 9.53 -21.05
CA ALA A 207 1.03 9.91 -22.05
C ALA A 207 2.46 9.90 -21.43
N TYR A 208 2.64 10.38 -20.20
CA TYR A 208 3.95 10.28 -19.47
C TYR A 208 4.44 8.82 -19.44
N VAL A 209 3.60 7.90 -19.01
CA VAL A 209 3.94 6.45 -18.88
C VAL A 209 4.28 5.96 -20.27
N ALA A 210 3.44 6.28 -21.27
CA ALA A 210 3.70 5.73 -22.63
C ALA A 210 5.14 6.07 -23.07
N LYS A 211 5.65 7.22 -22.57
CA LYS A 211 7.05 7.66 -22.78
C LYS A 211 8.02 6.93 -21.82
N ALA A 212 7.96 7.02 -20.49
CA ALA A 212 9.07 6.57 -19.60
C ALA A 212 9.02 5.08 -19.33
N ILE A 213 7.84 4.54 -19.11
CA ILE A 213 7.70 3.18 -18.55
C ILE A 213 7.81 2.16 -19.70
N ASP A 214 8.55 1.09 -19.43
CA ASP A 214 8.88 0.06 -20.40
C ASP A 214 7.78 -0.99 -20.49
N PRO A 215 7.09 -1.12 -21.63
CA PRO A 215 6.10 -2.21 -21.72
C PRO A 215 6.68 -3.59 -22.02
N SER A 216 7.97 -3.68 -22.29
CA SER A 216 8.67 -4.94 -22.63
C SER A 216 9.16 -5.69 -21.37
N ILE A 217 8.97 -5.17 -20.21
CA ILE A 217 9.57 -5.79 -19.00
C ILE A 217 9.11 -7.26 -18.90
N SER A 218 10.05 -8.11 -18.61
CA SER A 218 9.81 -9.56 -18.47
C SER A 218 10.49 -10.03 -17.21
N TRP A 219 10.35 -11.29 -16.92
CA TRP A 219 11.10 -11.95 -15.82
C TRP A 219 12.60 -11.82 -16.03
N GLU A 220 13.08 -11.66 -17.25
CA GLU A 220 14.54 -11.42 -17.45
C GLU A 220 14.97 -10.12 -16.76
N ASP A 221 14.10 -9.12 -16.80
CA ASP A 221 14.35 -7.80 -16.16
C ASP A 221 14.34 -7.94 -14.63
N ILE A 222 13.55 -8.85 -14.08
CA ILE A 222 13.53 -9.12 -12.64
C ILE A 222 14.88 -9.75 -12.29
N LYS A 223 15.37 -10.64 -13.13
CA LYS A 223 16.73 -11.25 -12.86
C LYS A 223 17.77 -10.14 -12.81
N TRP A 224 17.67 -9.19 -13.71
CA TRP A 224 18.61 -8.04 -13.72
C TRP A 224 18.49 -7.27 -12.39
N LEU A 225 17.29 -6.98 -11.95
CA LEU A 225 17.07 -6.12 -10.77
C LEU A 225 17.59 -6.89 -9.53
N ARG A 226 17.42 -8.22 -9.52
CA ARG A 226 17.78 -9.09 -8.37
C ARG A 226 19.32 -9.08 -8.28
N ARG A 227 19.99 -9.01 -9.40
CA ARG A 227 21.49 -8.99 -9.41
C ARG A 227 21.98 -7.56 -9.07
N LEU A 228 21.21 -6.53 -9.35
CA LEU A 228 21.54 -5.10 -9.20
C LEU A 228 21.67 -4.75 -7.73
N THR A 229 20.81 -5.29 -6.88
CA THR A 229 20.76 -4.88 -5.48
C THR A 229 20.67 -6.08 -4.54
N SER A 230 21.31 -5.97 -3.40
CA SER A 230 21.13 -6.95 -2.30
C SER A 230 19.97 -6.58 -1.38
N LEU A 231 19.26 -5.39 -1.61
CA LEU A 231 18.08 -5.01 -0.81
C LEU A 231 16.97 -6.03 -1.05
N PRO A 232 16.18 -6.29 -0.02
CA PRO A 232 14.96 -7.07 -0.25
C PRO A 232 14.21 -6.44 -1.44
N ILE A 233 13.62 -7.33 -2.25
CA ILE A 233 12.77 -6.86 -3.38
C ILE A 233 11.42 -7.54 -3.20
N VAL A 234 10.36 -6.73 -3.29
CA VAL A 234 8.96 -7.22 -3.24
C VAL A 234 8.37 -7.00 -4.62
N ALA A 235 7.67 -8.00 -5.16
CA ALA A 235 6.92 -7.82 -6.41
C ALA A 235 5.56 -7.27 -6.07
N LYS A 236 5.25 -6.08 -6.56
CA LYS A 236 3.98 -5.38 -6.27
C LYS A 236 3.06 -5.46 -7.47
N GLY A 237 1.86 -6.01 -7.23
CA GLY A 237 0.83 -6.11 -8.30
C GLY A 237 0.59 -7.50 -8.83
N ILE A 238 1.05 -8.48 -8.13
CA ILE A 238 0.76 -9.90 -8.43
CA ILE A 238 0.73 -9.87 -8.54
C ILE A 238 -0.67 -10.27 -8.04
N LEU A 239 -1.38 -10.95 -8.92
CA LEU A 239 -2.76 -11.39 -8.71
C LEU A 239 -2.91 -12.88 -8.95
N ARG A 240 -1.96 -13.63 -9.42
CA ARG A 240 -2.03 -15.05 -9.77
C ARG A 240 -1.03 -15.84 -8.94
N GLY A 241 -1.43 -17.03 -8.55
CA GLY A 241 -0.51 -17.90 -7.80
C GLY A 241 0.68 -18.30 -8.61
N ASP A 242 0.53 -18.54 -9.91
CA ASP A 242 1.67 -18.98 -10.75
C ASP A 242 2.71 -17.86 -10.84
N ASP A 243 2.28 -16.61 -11.00
CA ASP A 243 3.20 -15.45 -11.00
C ASP A 243 3.85 -15.29 -9.62
N ALA A 244 3.13 -15.54 -8.54
CA ALA A 244 3.75 -15.48 -7.22
C ALA A 244 4.83 -16.52 -7.09
N ARG A 245 4.60 -17.73 -7.58
CA ARG A 245 5.66 -18.77 -7.53
C ARG A 245 6.88 -18.38 -8.37
N GLU A 246 6.65 -17.73 -9.50
CA GLU A 246 7.76 -17.29 -10.38
C GLU A 246 8.58 -16.24 -9.64
N ALA A 247 7.91 -15.36 -8.89
CA ALA A 247 8.63 -14.31 -8.14
C ALA A 247 9.55 -14.98 -7.10
N VAL A 248 9.03 -16.00 -6.45
CA VAL A 248 9.85 -16.74 -5.45
C VAL A 248 11.05 -17.35 -6.16
N LYS A 249 10.84 -17.92 -7.34
CA LYS A 249 11.88 -18.64 -8.09
C LYS A 249 12.98 -17.65 -8.51
N HIS A 250 12.62 -16.40 -8.75
CA HIS A 250 13.58 -15.36 -9.18
C HIS A 250 14.25 -14.76 -7.93
N GLY A 251 14.02 -15.28 -6.72
CA GLY A 251 14.79 -14.84 -5.54
C GLY A 251 14.24 -13.55 -4.99
N LEU A 252 12.98 -13.20 -5.26
CA LEU A 252 12.40 -12.04 -4.60
C LEU A 252 11.95 -12.43 -3.19
N ASN A 253 11.72 -11.42 -2.37
CA ASN A 253 11.62 -11.60 -0.90
C ASN A 253 10.24 -11.28 -0.41
N GLY A 254 9.27 -10.96 -1.26
CA GLY A 254 7.90 -10.80 -0.85
C GLY A 254 7.01 -10.59 -2.03
N ILE A 255 5.72 -10.70 -1.81
CA ILE A 255 4.67 -10.39 -2.81
C ILE A 255 3.71 -9.40 -2.20
N LEU A 256 3.48 -8.27 -2.84
CA LEU A 256 2.43 -7.35 -2.47
C LEU A 256 1.26 -7.62 -3.40
N VAL A 257 0.27 -8.34 -2.89
CA VAL A 257 -0.98 -8.64 -3.60
C VAL A 257 -1.72 -7.33 -3.73
N SER A 258 -1.85 -6.90 -5.00
CA SER A 258 -2.26 -5.53 -5.34
C SER A 258 -2.87 -5.55 -6.72
N ASN A 259 -3.95 -4.79 -6.87
CA ASN A 259 -4.51 -4.43 -8.20
C ASN A 259 -4.28 -2.95 -8.46
N HIS A 260 -3.27 -2.40 -7.81
CA HIS A 260 -2.83 -1.00 -8.07
C HIS A 260 -3.96 -0.02 -7.69
N GLY A 261 -4.65 -0.31 -6.60
CA GLY A 261 -5.78 0.50 -6.15
C GLY A 261 -6.88 0.53 -7.20
N ALA A 262 -7.02 -0.56 -7.96
CA ALA A 262 -8.07 -0.75 -8.98
C ALA A 262 -7.90 0.23 -10.13
N ARG A 263 -6.66 0.67 -10.37
CA ARG A 263 -6.41 1.75 -11.37
C ARG A 263 -5.77 1.21 -12.65
N GLN A 264 -5.54 -0.09 -12.73
CA GLN A 264 -4.88 -0.67 -13.91
C GLN A 264 -5.92 -1.43 -14.76
N LEU A 265 -5.96 -2.75 -14.60
CA LEU A 265 -6.96 -3.57 -15.32
C LEU A 265 -8.26 -3.65 -14.49
N ASP A 266 -9.34 -3.11 -15.05
CA ASP A 266 -10.64 -3.21 -14.36
C ASP A 266 -11.23 -4.60 -14.58
N GLY A 267 -11.87 -5.10 -13.55
CA GLY A 267 -12.52 -6.41 -13.60
C GLY A 267 -11.62 -7.49 -13.04
N VAL A 268 -10.47 -7.19 -12.53
CA VAL A 268 -9.74 -8.16 -11.69
C VAL A 268 -10.44 -8.27 -10.36
N PRO A 269 -10.19 -9.38 -9.65
CA PRO A 269 -10.80 -9.53 -8.34
C PRO A 269 -10.25 -8.55 -7.33
N ALA A 270 -10.99 -8.43 -6.26
CA ALA A 270 -10.53 -7.71 -5.05
C ALA A 270 -9.28 -8.39 -4.55
N THR A 271 -8.36 -7.61 -3.95
CA THR A 271 -7.13 -8.22 -3.43
C THR A 271 -7.40 -9.15 -2.26
N ILE A 272 -8.42 -8.84 -1.40
CA ILE A 272 -8.67 -9.76 -0.28
C ILE A 272 -9.14 -11.10 -0.77
N ASP A 273 -9.82 -11.15 -1.94
CA ASP A 273 -10.25 -12.40 -2.51
C ASP A 273 -9.16 -13.22 -3.11
N VAL A 274 -8.12 -12.60 -3.69
CA VAL A 274 -7.03 -13.40 -4.28
C VAL A 274 -5.94 -13.67 -3.26
N LEU A 275 -5.91 -12.98 -2.13
CA LEU A 275 -4.86 -13.18 -1.13
C LEU A 275 -4.72 -14.64 -0.73
N PRO A 276 -5.79 -15.42 -0.46
CA PRO A 276 -5.53 -16.76 0.04
C PRO A 276 -4.82 -17.64 -1.00
N GLU A 277 -5.11 -17.47 -2.29
CA GLU A 277 -4.48 -18.26 -3.37
C GLU A 277 -3.00 -17.93 -3.34
N ILE A 278 -2.65 -16.68 -3.19
CA ILE A 278 -1.24 -16.29 -3.24
C ILE A 278 -0.52 -16.82 -2.00
N VAL A 279 -1.15 -16.67 -0.84
CA VAL A 279 -0.52 -17.23 0.39
C VAL A 279 -0.26 -18.73 0.23
N GLU A 280 -1.25 -19.46 -0.31
CA GLU A 280 -1.09 -20.91 -0.55
C GLU A 280 0.05 -21.17 -1.52
N ALA A 281 0.12 -20.40 -2.61
CA ALA A 281 1.07 -20.69 -3.68
C ALA A 281 2.52 -20.49 -3.21
N VAL A 282 2.75 -19.53 -2.29
CA VAL A 282 4.20 -19.27 -1.94
C VAL A 282 4.68 -20.17 -0.80
N GLU A 283 3.81 -20.98 -0.20
CA GLU A 283 4.25 -22.06 0.72
C GLU A 283 5.17 -21.50 1.83
N GLY A 284 4.90 -20.28 2.27
CA GLY A 284 5.67 -19.68 3.38
C GLY A 284 7.03 -19.18 2.98
N LYS A 285 7.40 -19.23 1.71
CA LYS A 285 8.81 -18.95 1.37
C LYS A 285 9.10 -17.46 1.46
N VAL A 286 8.14 -16.60 1.23
CA VAL A 286 8.28 -15.13 1.35
C VAL A 286 7.05 -14.57 2.05
N GLU A 287 7.18 -13.41 2.64
CA GLU A 287 6.07 -12.61 3.19
C GLU A 287 5.14 -12.20 2.05
N VAL A 288 3.85 -12.21 2.34
CA VAL A 288 2.79 -11.72 1.49
C VAL A 288 2.10 -10.54 2.12
N PHE A 289 1.95 -9.43 1.42
CA PHE A 289 1.30 -8.20 1.83
C PHE A 289 0.06 -7.97 1.01
N LEU A 290 -0.81 -7.09 1.44
CA LEU A 290 -2.00 -6.72 0.66
C LEU A 290 -2.15 -5.24 0.65
N ASP A 291 -2.62 -4.66 -0.44
CA ASP A 291 -3.22 -3.32 -0.49
C ASP A 291 -4.48 -3.37 -1.32
N GLY A 292 -5.25 -2.32 -1.28
CA GLY A 292 -6.49 -2.19 -2.05
C GLY A 292 -7.71 -2.29 -1.15
N GLY A 293 -8.29 -1.17 -0.82
CA GLY A 293 -9.55 -1.14 -0.10
C GLY A 293 -9.45 -1.20 1.39
N VAL A 294 -8.28 -1.08 1.97
CA VAL A 294 -8.14 -1.07 3.45
C VAL A 294 -8.60 0.30 3.98
N ARG A 295 -9.65 0.29 4.79
CA ARG A 295 -10.20 1.57 5.33
C ARG A 295 -10.53 1.42 6.81
N LYS A 296 -10.49 0.22 7.35
CA LYS A 296 -10.97 -0.07 8.72
C LYS A 296 -10.06 -1.08 9.38
N GLY A 297 -10.01 -1.01 10.72
CA GLY A 297 -9.24 -2.01 11.45
C GLY A 297 -9.68 -3.43 11.15
N THR A 298 -10.97 -3.70 10.95
CA THR A 298 -11.39 -5.08 10.66
C THR A 298 -10.85 -5.51 9.29
N ASP A 299 -10.57 -4.61 8.38
CA ASP A 299 -9.95 -4.99 7.07
C ASP A 299 -8.56 -5.52 7.32
N VAL A 300 -7.81 -4.84 8.16
CA VAL A 300 -6.46 -5.29 8.54
C VAL A 300 -6.54 -6.67 9.16
N LEU A 301 -7.47 -6.86 10.11
CA LEU A 301 -7.59 -8.14 10.81
C LEU A 301 -7.89 -9.27 9.83
N LYS A 302 -8.83 -9.02 8.91
CA LYS A 302 -9.18 -10.06 7.91
C LYS A 302 -7.98 -10.40 7.01
N ALA A 303 -7.23 -9.42 6.59
CA ALA A 303 -6.07 -9.66 5.75
C ALA A 303 -5.03 -10.50 6.49
N LEU A 304 -4.79 -10.21 7.77
CA LEU A 304 -3.82 -10.98 8.55
C LEU A 304 -4.33 -12.41 8.82
N ALA A 305 -5.63 -12.58 9.04
CA ALA A 305 -6.21 -13.92 9.25
C ALA A 305 -6.02 -14.77 8.02
N LEU A 306 -6.08 -14.13 6.83
CA LEU A 306 -5.88 -14.88 5.58
C LEU A 306 -4.40 -14.97 5.21
N GLY A 307 -3.45 -14.52 6.05
CA GLY A 307 -2.04 -14.84 5.90
C GLY A 307 -1.17 -13.69 5.45
N ALA A 308 -1.70 -12.51 5.22
CA ALA A 308 -0.85 -11.33 4.94
C ALA A 308 -0.02 -10.99 6.19
N LYS A 309 1.22 -10.58 6.02
CA LYS A 309 2.01 -10.12 7.19
C LYS A 309 1.63 -8.71 7.58
N ALA A 310 1.27 -7.90 6.60
CA ALA A 310 0.94 -6.50 6.76
C ALA A 310 0.14 -6.01 5.61
N VAL A 311 -0.50 -4.91 5.78
CA VAL A 311 -1.23 -4.22 4.69
C VAL A 311 -0.72 -2.82 4.48
N PHE A 312 -0.91 -2.33 3.26
CA PHE A 312 -0.52 -0.98 2.85
C PHE A 312 -1.79 -0.20 2.56
N VAL A 313 -1.78 1.07 2.93
CA VAL A 313 -2.90 1.97 2.63
C VAL A 313 -2.42 3.02 1.65
N GLY A 314 -3.22 3.28 0.63
CA GLY A 314 -2.94 4.26 -0.41
C GLY A 314 -3.72 5.50 -0.18
N ARG A 315 -4.95 5.56 -0.68
CA ARG A 315 -5.78 6.76 -0.65
C ARG A 315 -5.96 7.37 0.73
N PRO A 316 -6.17 6.58 1.81
CA PRO A 316 -6.45 7.19 3.11
C PRO A 316 -5.33 8.17 3.52
N ILE A 317 -4.09 7.89 3.13
CA ILE A 317 -2.96 8.79 3.49
C ILE A 317 -3.13 10.11 2.78
N VAL A 318 -3.45 10.08 1.50
CA VAL A 318 -3.72 11.32 0.74
C VAL A 318 -4.85 12.13 1.35
N TRP A 319 -5.91 11.47 1.85
CA TRP A 319 -6.97 12.27 2.44
C TRP A 319 -6.46 12.89 3.77
N GLY A 320 -5.59 12.17 4.45
CA GLY A 320 -4.94 12.73 5.65
C GLY A 320 -4.16 14.00 5.31
N LEU A 321 -3.36 13.92 4.26
CA LEU A 321 -2.60 15.12 3.82
C LEU A 321 -3.55 16.29 3.49
N ALA A 322 -4.63 16.00 2.75
CA ALA A 322 -5.54 17.04 2.25
C ALA A 322 -6.15 17.74 3.46
N PHE A 323 -6.42 16.97 4.52
CA PHE A 323 -6.96 17.58 5.76
C PHE A 323 -5.95 18.50 6.46
N GLN A 324 -4.78 17.97 6.85
CA GLN A 324 -3.83 18.78 7.68
C GLN A 324 -2.40 18.24 7.57
N GLY A 325 -1.92 17.93 6.37
CA GLY A 325 -0.52 17.53 6.19
C GLY A 325 -0.10 16.43 7.13
N GLU A 326 1.07 16.58 7.74
CA GLU A 326 1.64 15.56 8.66
C GLU A 326 0.62 15.16 9.73
N LYS A 327 -0.02 16.14 10.36
CA LYS A 327 -0.98 15.85 11.44
C LYS A 327 -2.14 15.01 10.89
N GLY A 328 -2.63 15.35 9.70
CA GLY A 328 -3.73 14.59 9.07
C GLY A 328 -3.32 13.15 8.77
N VAL A 329 -2.12 12.95 8.28
CA VAL A 329 -1.62 11.57 8.04
C VAL A 329 -1.47 10.86 9.37
N GLN A 330 -0.96 11.54 10.39
CA GLN A 330 -0.79 10.94 11.71
C GLN A 330 -2.18 10.55 12.20
N ASP A 331 -3.19 11.38 12.01
CA ASP A 331 -4.54 11.08 12.54
C ASP A 331 -5.08 9.85 11.80
N VAL A 332 -4.95 9.77 10.49
CA VAL A 332 -5.46 8.62 9.73
C VAL A 332 -4.79 7.35 10.26
N LEU A 333 -3.50 7.37 10.39
CA LEU A 333 -2.72 6.17 10.85
C LEU A 333 -3.12 5.84 12.29
N GLU A 334 -3.39 6.80 13.14
CA GLU A 334 -3.83 6.52 14.51
C GLU A 334 -5.25 5.97 14.51
N ILE A 335 -6.15 6.42 13.64
CA ILE A 335 -7.51 5.86 13.60
C ILE A 335 -7.36 4.43 13.17
N LEU A 336 -6.60 4.09 12.15
CA LEU A 336 -6.39 2.70 11.71
C LEU A 336 -5.81 1.88 12.84
N LYS A 337 -4.82 2.39 13.54
CA LYS A 337 -4.17 1.63 14.62
C LYS A 337 -5.20 1.31 15.70
N GLU A 338 -5.99 2.28 16.11
CA GLU A 338 -6.94 2.05 17.23
C GLU A 338 -8.07 1.11 16.79
N GLU A 339 -8.54 1.29 15.56
CA GLU A 339 -9.58 0.37 15.06
C GLU A 339 -9.02 -1.06 15.03
N PHE A 340 -7.77 -1.20 14.61
CA PHE A 340 -7.15 -2.56 14.52
C PHE A 340 -7.01 -3.13 15.93
N ARG A 341 -6.54 -2.30 16.87
N ARG A 341 -6.54 -2.30 16.87
N ARG A 341 -6.54 -2.30 16.87
N ARG A 341 -6.54 -2.30 16.87
CA ARG A 341 -6.39 -2.76 18.28
CA ARG A 341 -6.39 -2.76 18.28
CA ARG A 341 -6.39 -2.76 18.28
CA ARG A 341 -6.39 -2.76 18.28
C ARG A 341 -7.74 -3.27 18.80
C ARG A 341 -7.74 -3.27 18.80
C ARG A 341 -7.74 -3.27 18.80
C ARG A 341 -7.74 -3.27 18.80
N LEU A 342 -8.80 -2.48 18.57
CA LEU A 342 -10.15 -2.88 19.06
C LEU A 342 -10.60 -4.19 18.38
N ALA A 343 -10.40 -4.29 17.07
CA ALA A 343 -10.85 -5.49 16.35
C ALA A 343 -10.09 -6.70 16.86
N MET A 344 -8.78 -6.53 17.09
CA MET A 344 -7.96 -7.63 17.66
C MET A 344 -8.53 -8.03 19.03
N ALA A 345 -8.73 -7.05 19.90
CA ALA A 345 -9.24 -7.32 21.26
C ALA A 345 -10.61 -7.99 21.21
N LEU A 346 -11.52 -7.47 20.39
CA LEU A 346 -12.88 -8.04 20.38
C LEU A 346 -12.89 -9.42 19.74
N SER A 347 -11.83 -9.75 19.02
N SER A 347 -11.83 -9.76 19.02
N SER A 347 -11.83 -9.75 19.02
N SER A 347 -11.83 -9.76 19.02
CA SER A 347 -11.74 -11.08 18.35
CA SER A 347 -11.73 -11.09 18.35
CA SER A 347 -11.74 -11.08 18.35
CA SER A 347 -11.73 -11.09 18.35
C SER A 347 -10.99 -12.08 19.23
C SER A 347 -11.00 -12.09 19.25
C SER A 347 -10.99 -12.08 19.23
C SER A 347 -11.00 -12.09 19.25
N GLY A 348 -10.40 -11.60 20.34
CA GLY A 348 -9.67 -12.50 21.27
C GLY A 348 -8.19 -12.61 20.98
N CYS A 349 -7.65 -11.65 20.26
CA CYS A 349 -6.24 -11.73 19.84
C CYS A 349 -5.37 -10.73 20.61
N GLN A 350 -4.43 -11.25 21.41
CA GLN A 350 -3.61 -10.33 22.23
C GLN A 350 -2.40 -9.84 21.43
N ASN A 351 -2.05 -10.48 20.33
CA ASN A 351 -0.88 -10.08 19.50
C ASN A 351 -1.08 -10.57 18.08
N VAL A 352 -0.29 -10.20 17.09
CA VAL A 352 -0.56 -10.60 15.71
C VAL A 352 -0.27 -12.07 15.46
N LYS A 353 0.56 -12.68 16.28
CA LYS A 353 1.02 -14.07 16.06
C LYS A 353 -0.15 -15.03 16.27
N VAL A 354 -1.22 -14.61 16.95
CA VAL A 354 -2.34 -15.54 17.24
C VAL A 354 -3.53 -15.21 16.37
N ILE A 355 -3.40 -14.32 15.41
CA ILE A 355 -4.47 -14.06 14.42
C ILE A 355 -4.47 -15.21 13.41
N ASP A 356 -5.46 -16.10 13.49
CA ASP A 356 -5.43 -17.38 12.73
C ASP A 356 -6.57 -17.38 11.69
N LYS A 357 -6.52 -18.35 10.77
CA LYS A 357 -7.40 -18.49 9.62
C LYS A 357 -8.82 -18.80 10.15
N THR A 358 -9.03 -19.36 11.34
CA THR A 358 -10.43 -19.67 11.81
C THR A 358 -11.18 -18.40 12.20
N LEU A 359 -10.53 -17.28 12.31
CA LEU A 359 -11.22 -16.01 12.56
C LEU A 359 -12.09 -15.61 11.38
N VAL A 360 -11.91 -16.11 10.16
CA VAL A 360 -12.68 -15.57 9.02
C VAL A 360 -13.33 -16.69 8.23
N ARG A 361 -14.46 -16.41 7.62
CA ARG A 361 -15.08 -17.32 6.63
C ARG A 361 -15.80 -16.47 5.58
N LYS A 362 -15.72 -16.86 4.30
CA LYS A 362 -16.37 -16.01 3.25
C LYS A 362 -17.81 -16.42 2.99
#